data_5VR5
#
_entry.id   5VR5
#
_entity_poly.entity_id   1
_entity_poly.type   'polypeptide(L)'
_entity_poly.pdbx_seq_one_letter_code
;SDTRYNKDFINNKLLNEHAH
;
_entity_poly.pdbx_strand_id   A
#
# COMPACT_ATOMS: atom_id res chain seq x y z
N SER A 1 -7.28 10.30 -3.45
CA SER A 1 -6.29 9.20 -3.52
C SER A 1 -4.82 9.69 -3.60
N ASP A 2 -4.52 10.72 -4.43
CA ASP A 2 -3.18 11.33 -4.56
C ASP A 2 -2.73 12.30 -3.41
N THR A 3 -3.41 12.21 -2.26
CA THR A 3 -3.18 12.96 -1.02
C THR A 3 -2.98 11.94 0.16
N ARG A 4 -2.00 11.03 0.00
CA ARG A 4 -1.66 9.96 0.99
C ARG A 4 -2.80 8.96 1.33
N TYR A 5 -3.64 8.61 0.32
CA TYR A 5 -4.75 7.64 0.46
C TYR A 5 -4.79 6.62 -0.73
N ASN A 6 -3.62 6.06 -1.08
CA ASN A 6 -3.49 5.03 -2.14
C ASN A 6 -2.96 3.73 -1.44
N LYS A 7 -3.77 3.15 -0.52
CA LYS A 7 -3.45 1.92 0.24
C LYS A 7 -2.22 2.12 1.16
N ASP A 8 -2.37 3.05 2.15
CA ASP A 8 -1.31 3.43 3.14
C ASP A 8 0.05 3.72 2.40
N PHE A 9 -0.01 4.47 1.27
CA PHE A 9 1.14 4.84 0.41
C PHE A 9 1.84 3.56 -0.16
N ILE A 10 1.06 2.53 -0.63
CA ILE A 10 1.62 1.25 -1.21
C ILE A 10 2.58 0.43 -0.23
N ASN A 11 2.09 0.39 1.02
CA ASN A 11 2.60 -0.32 2.22
C ASN A 11 1.43 -1.37 2.38
N ASN A 12 0.18 -0.86 2.60
CA ASN A 12 -1.00 -1.72 2.68
C ASN A 12 -1.36 -2.24 1.19
N LYS A 13 -0.36 -2.46 0.26
CA LYS A 13 -0.51 -3.04 -1.14
C LYS A 13 -1.49 -4.31 -1.31
N LEU A 14 -1.56 -4.84 -0.10
CA LEU A 14 -2.16 -6.00 0.60
C LEU A 14 -0.83 -6.77 0.63
N LEU A 15 0.38 -6.28 1.15
CA LEU A 15 1.64 -7.09 1.05
C LEU A 15 1.99 -7.47 -0.48
N ASN A 16 1.10 -7.02 -1.42
CA ASN A 16 1.01 -7.13 -2.87
C ASN A 16 0.34 -8.51 -3.10
N GLU A 17 -1.03 -8.48 -2.89
CA GLU A 17 -1.95 -9.63 -2.98
C GLU A 17 -1.40 -10.74 -2.02
N HIS A 18 -1.21 -10.39 -0.72
CA HIS A 18 -0.66 -11.31 0.32
C HIS A 18 0.79 -11.84 -0.10
N ALA A 19 1.62 -10.92 -0.68
CA ALA A 19 3.00 -11.14 -1.17
C ALA A 19 3.09 -12.22 -2.29
N HIS A 20 3.15 -11.76 -3.56
CA HIS A 20 3.25 -12.64 -4.74
C HIS A 20 4.70 -13.12 -4.96
N SER A 1 -7.18 9.41 -4.22
CA SER A 1 -6.26 8.28 -4.39
C SER A 1 -4.85 8.74 -4.87
N ASP A 2 -4.78 9.60 -5.92
CA ASP A 2 -3.49 10.15 -6.44
C ASP A 2 -2.94 11.37 -5.60
N THR A 3 -3.22 11.38 -4.28
CA THR A 3 -2.76 12.40 -3.31
C THR A 3 -2.49 11.66 -1.95
N ARG A 4 -1.52 10.72 -1.97
CA ARG A 4 -1.10 9.89 -0.81
C ARG A 4 -2.19 8.99 -0.16
N TYR A 5 -3.09 8.41 -0.98
CA TYR A 5 -4.15 7.49 -0.51
C TYR A 5 -4.33 6.28 -1.49
N ASN A 6 -3.21 5.65 -1.87
CA ASN A 6 -3.22 4.45 -2.76
C ASN A 6 -2.80 3.21 -1.90
N LYS A 7 -3.62 2.89 -0.86
CA LYS A 7 -3.40 1.77 0.08
C LYS A 7 -2.18 2.01 0.99
N ASP A 8 -2.38 2.97 1.94
CA ASP A 8 -1.36 3.41 2.94
C ASP A 8 -0.03 3.81 2.22
N PHE A 9 -0.10 4.60 1.11
CA PHE A 9 1.06 5.03 0.29
C PHE A 9 1.81 3.75 -0.24
N ILE A 10 1.06 2.75 -0.80
CA ILE A 10 1.62 1.47 -1.32
C ILE A 10 2.32 0.53 -0.26
N ASN A 11 1.99 0.73 1.03
CA ASN A 11 2.47 -0.06 2.19
C ASN A 11 1.53 -1.23 2.56
N ASN A 12 0.19 -1.00 2.72
CA ASN A 12 -0.79 -2.10 3.03
C ASN A 12 -0.76 -3.32 2.06
N LYS A 13 -0.78 -3.10 0.73
CA LYS A 13 -0.70 -4.19 -0.29
C LYS A 13 0.65 -4.97 -0.20
N LEU A 14 1.78 -4.26 -0.05
CA LEU A 14 3.13 -4.88 0.11
C LEU A 14 3.30 -5.74 1.41
N LEU A 15 2.62 -5.38 2.53
CA LEU A 15 2.69 -6.16 3.79
C LEU A 15 1.79 -7.46 3.86
N ASN A 16 1.49 -8.04 2.68
CA ASN A 16 0.71 -9.28 2.49
C ASN A 16 1.46 -10.12 1.41
N GLU A 17 2.74 -10.50 1.67
CA GLU A 17 3.60 -11.30 0.74
C GLU A 17 3.49 -10.81 -0.75
N HIS A 18 3.74 -9.49 -0.94
CA HIS A 18 3.68 -8.79 -2.25
C HIS A 18 2.25 -8.86 -2.90
N ALA A 19 1.18 -8.65 -2.09
CA ALA A 19 -0.25 -8.70 -2.54
C ALA A 19 -0.69 -10.13 -2.97
N HIS A 20 -1.22 -10.91 -2.02
CA HIS A 20 -1.68 -12.30 -2.26
C HIS A 20 -3.11 -12.30 -2.87
N SER A 1 -5.26 13.40 -0.34
CA SER A 1 -5.75 12.03 -0.65
C SER A 1 -5.57 11.64 -2.13
N ASP A 2 -5.85 12.53 -3.11
CA ASP A 2 -5.65 12.24 -4.56
C ASP A 2 -4.18 12.11 -5.10
N THR A 3 -3.20 12.07 -4.18
CA THR A 3 -1.75 11.88 -4.47
C THR A 3 -0.95 11.14 -3.34
N ARG A 4 -1.64 10.46 -2.40
CA ARG A 4 -1.03 9.66 -1.29
C ARG A 4 -1.97 8.64 -0.57
N TYR A 5 -3.13 8.30 -1.16
CA TYR A 5 -4.09 7.30 -0.60
C TYR A 5 -4.25 6.04 -1.51
N ASN A 6 -3.11 5.47 -1.94
CA ASN A 6 -3.09 4.23 -2.77
C ASN A 6 -2.66 3.02 -1.88
N LYS A 7 -3.46 2.71 -0.84
CA LYS A 7 -3.25 1.59 0.11
C LYS A 7 -2.03 1.83 1.00
N ASP A 8 -2.22 2.76 1.98
CA ASP A 8 -1.19 3.20 2.97
C ASP A 8 0.11 3.66 2.24
N PHE A 9 -0.02 4.48 1.15
CA PHE A 9 1.12 4.97 0.33
C PHE A 9 1.93 3.75 -0.23
N ILE A 10 1.23 2.69 -0.75
CA ILE A 10 1.87 1.45 -1.28
C ILE A 10 2.70 0.61 -0.23
N ASN A 11 2.36 0.75 1.07
CA ASN A 11 3.00 0.08 2.22
C ASN A 11 2.21 -1.17 2.73
N ASN A 12 0.89 -1.08 2.99
CA ASN A 12 0.09 -2.25 3.49
C ASN A 12 0.14 -3.53 2.57
N LYS A 13 -0.15 -3.38 1.27
CA LYS A 13 -0.09 -4.49 0.28
C LYS A 13 1.35 -5.11 0.13
N LEU A 14 2.38 -4.23 0.14
CA LEU A 14 3.81 -4.64 0.07
C LEU A 14 4.29 -5.42 1.32
N LEU A 15 3.84 -5.10 2.56
CA LEU A 15 4.24 -5.86 3.78
C LEU A 15 3.42 -7.17 4.04
N ASN A 16 3.06 -7.86 2.94
CA ASN A 16 2.28 -9.12 2.87
C ASN A 16 2.76 -9.98 1.69
N GLU A 17 2.53 -9.47 0.48
CA GLU A 17 2.97 -10.10 -0.80
C GLU A 17 4.49 -10.50 -0.82
N HIS A 18 5.24 -9.57 -0.27
CA HIS A 18 6.68 -9.58 0.00
C HIS A 18 6.63 -9.16 1.52
N ALA A 19 6.21 -10.10 2.43
CA ALA A 19 6.07 -9.91 3.90
C ALA A 19 7.41 -9.65 4.66
N HIS A 20 7.89 -8.41 4.53
CA HIS A 20 9.15 -7.96 5.18
C HIS A 20 8.93 -7.62 6.68
N SER A 1 -7.42 9.32 -4.04
CA SER A 1 -6.43 8.22 -4.15
C SER A 1 -5.02 8.71 -4.54
N ASP A 2 -4.88 9.62 -5.54
CA ASP A 2 -3.57 10.20 -5.95
C ASP A 2 -3.10 11.41 -5.07
N THR A 3 -3.48 11.38 -3.78
CA THR A 3 -3.15 12.35 -2.73
C THR A 3 -2.74 11.54 -1.45
N ARG A 4 -1.72 10.66 -1.60
CA ARG A 4 -1.20 9.76 -0.52
C ARG A 4 -2.24 8.79 0.13
N TYR A 5 -3.19 8.28 -0.68
CA TYR A 5 -4.22 7.31 -0.25
C TYR A 5 -4.38 6.15 -1.28
N ASN A 6 -3.24 5.56 -1.72
CA ASN A 6 -3.24 4.41 -2.67
C ASN A 6 -2.77 3.15 -1.87
N LYS A 7 -3.56 2.76 -0.85
CA LYS A 7 -3.30 1.60 0.04
C LYS A 7 -2.08 1.84 0.96
N ASP A 8 -2.30 2.76 1.94
CA ASP A 8 -1.28 3.18 2.94
C ASP A 8 0.04 3.63 2.24
N PHE A 9 -0.06 4.46 1.16
CA PHE A 9 1.09 4.95 0.35
C PHE A 9 1.86 3.70 -0.24
N ILE A 10 1.12 2.71 -0.83
CA ILE A 10 1.70 1.46 -1.42
C ILE A 10 2.44 0.50 -0.40
N ASN A 11 2.11 0.62 0.90
CA ASN A 11 2.62 -0.19 2.01
C ASN A 11 1.68 -1.39 2.37
N ASN A 12 0.36 -1.19 2.56
CA ASN A 12 -0.60 -2.30 2.87
C ASN A 12 -0.57 -3.49 1.86
N LYS A 13 -0.65 -3.24 0.55
CA LYS A 13 -0.58 -4.32 -0.50
C LYS A 13 0.80 -5.07 -0.48
N LEU A 14 1.92 -4.33 -0.34
CA LEU A 14 3.28 -4.92 -0.26
C LEU A 14 3.51 -5.80 1.02
N LEU A 15 2.87 -5.51 2.17
CA LEU A 15 2.98 -6.33 3.41
C LEU A 15 2.13 -7.66 3.45
N ASN A 16 1.82 -8.19 2.27
CA ASN A 16 1.08 -9.46 2.05
C ASN A 16 1.80 -10.24 0.93
N GLU A 17 3.11 -10.59 1.13
CA GLU A 17 3.96 -11.33 0.15
C GLU A 17 3.79 -10.79 -1.32
N HIS A 18 4.00 -9.46 -1.47
CA HIS A 18 3.87 -8.72 -2.76
C HIS A 18 2.42 -8.82 -3.36
N ALA A 19 1.36 -8.67 -2.52
CA ALA A 19 -0.07 -8.73 -2.93
C ALA A 19 -0.47 -10.17 -3.39
N HIS A 20 -0.96 -11.00 -2.44
CA HIS A 20 -1.39 -12.39 -2.71
C HIS A 20 -2.84 -12.42 -3.29
N SER A 1 -9.72 6.00 -3.11
CA SER A 1 -8.31 5.52 -3.11
C SER A 1 -7.32 6.64 -3.53
N ASP A 2 -7.64 7.45 -4.57
CA ASP A 2 -6.79 8.57 -5.03
C ASP A 2 -6.95 9.90 -4.18
N THR A 3 -7.26 9.74 -2.87
CA THR A 3 -7.41 10.83 -1.88
C THR A 3 -6.79 10.33 -0.53
N ARG A 4 -5.47 10.05 -0.58
CA ARG A 4 -4.65 9.55 0.58
C ARG A 4 -5.08 8.20 1.21
N TYR A 5 -5.53 7.24 0.37
CA TYR A 5 -5.93 5.88 0.81
C TYR A 5 -5.52 4.84 -0.29
N ASN A 6 -4.25 4.87 -0.72
CA ASN A 6 -3.72 3.90 -1.73
C ASN A 6 -2.93 2.73 -1.04
N LYS A 7 -3.55 2.08 -0.03
CA LYS A 7 -2.99 0.95 0.74
C LYS A 7 -1.70 1.34 1.50
N ASP A 8 -1.89 2.24 2.50
CA ASP A 8 -0.82 2.79 3.38
C ASP A 8 0.32 3.39 2.49
N PHE A 9 -0.02 4.17 1.43
CA PHE A 9 0.94 4.79 0.47
C PHE A 9 1.83 3.66 -0.17
N ILE A 10 1.22 2.51 -0.58
CA ILE A 10 1.94 1.34 -1.19
C ILE A 10 3.02 0.65 -0.24
N ASN A 11 2.84 0.82 1.09
CA ASN A 11 3.72 0.26 2.15
C ASN A 11 3.18 -1.04 2.79
N ASN A 12 1.89 -1.12 3.22
CA ASN A 12 1.31 -2.37 3.80
C ASN A 12 1.41 -3.64 2.88
N LYS A 13 1.02 -3.53 1.59
CA LYS A 13 1.11 -4.65 0.61
C LYS A 13 2.58 -5.12 0.36
N LEU A 14 3.52 -4.15 0.25
CA LEU A 14 4.97 -4.41 0.07
C LEU A 14 5.63 -5.09 1.30
N LEU A 15 5.28 -4.75 2.56
CA LEU A 15 5.85 -5.41 3.76
C LEU A 15 5.19 -6.79 4.15
N ASN A 16 4.80 -7.55 3.10
CA ASN A 16 4.15 -8.88 3.15
C ASN A 16 4.61 -9.74 1.96
N GLU A 17 4.24 -9.29 0.76
CA GLU A 17 4.65 -9.93 -0.54
C GLU A 17 6.19 -10.19 -0.67
N HIS A 18 6.88 -9.17 -0.18
CA HIS A 18 8.33 -9.03 -0.03
C HIS A 18 8.35 -8.58 1.48
N ALA A 19 8.10 -9.53 2.43
CA ALA A 19 8.05 -9.31 3.90
C ALA A 19 9.40 -8.91 4.56
N HIS A 20 9.75 -7.62 4.38
CA HIS A 20 11.00 -7.03 4.91
C HIS A 20 10.93 -6.77 6.45
N SER A 1 -9.68 6.07 -3.03
CA SER A 1 -8.31 5.53 -3.20
C SER A 1 -7.33 6.61 -3.74
N ASP A 2 -7.71 7.37 -4.79
CA ASP A 2 -6.87 8.46 -5.35
C ASP A 2 -6.95 9.82 -4.54
N THR A 3 -7.18 9.73 -3.22
CA THR A 3 -7.25 10.86 -2.27
C THR A 3 -6.61 10.38 -0.92
N ARG A 4 -5.31 10.05 -0.97
CA ARG A 4 -4.49 9.55 0.18
C ARG A 4 -4.98 8.24 0.88
N TYR A 5 -5.48 7.28 0.08
CA TYR A 5 -5.94 5.96 0.58
C TYR A 5 -5.55 4.83 -0.43
N ASN A 6 -4.28 4.82 -0.89
CA ASN A 6 -3.78 3.77 -1.83
C ASN A 6 -2.97 2.67 -1.07
N LYS A 7 -3.56 2.09 0.00
CA LYS A 7 -2.99 1.01 0.84
C LYS A 7 -1.71 1.46 1.59
N ASP A 8 -1.93 2.39 2.54
CA ASP A 8 -0.87 3.01 3.40
C ASP A 8 0.30 3.57 2.51
N PHE A 9 -0.05 4.30 1.40
CA PHE A 9 0.92 4.87 0.42
C PHE A 9 1.80 3.70 -0.17
N ILE A 10 1.16 2.57 -0.60
CA ILE A 10 1.84 1.37 -1.16
C ILE A 10 2.83 0.61 -0.17
N ASN A 11 2.63 0.80 1.15
CA ASN A 11 3.39 0.17 2.24
C ASN A 11 2.71 -1.12 2.78
N ASN A 12 1.40 -1.11 3.13
CA ASN A 12 0.68 -2.32 3.61
C ASN A 12 0.76 -3.56 2.67
N LYS A 13 0.47 -3.41 1.36
CA LYS A 13 0.59 -4.53 0.37
C LYS A 13 2.04 -5.09 0.24
N LEU A 14 3.06 -4.21 0.23
CA LEU A 14 4.49 -4.60 0.17
C LEU A 14 5.00 -5.34 1.45
N LEU A 15 4.50 -5.04 2.66
CA LEU A 15 4.91 -5.75 3.91
C LEU A 15 4.13 -7.08 4.18
N ASN A 16 3.74 -7.79 3.09
CA ASN A 16 2.99 -9.07 3.12
C ASN A 16 3.26 -9.99 1.91
N GLU A 17 2.69 -9.59 0.78
CA GLU A 17 2.81 -10.26 -0.56
C GLU A 17 4.26 -10.69 -0.93
N HIS A 18 5.07 -9.65 -0.87
CA HIS A 18 6.53 -9.65 -1.06
C HIS A 18 7.06 -8.96 0.25
N ALA A 19 6.74 -9.54 1.44
CA ALA A 19 7.08 -9.12 2.82
C ALA A 19 8.53 -8.57 3.01
N HIS A 20 8.61 -7.26 2.79
CA HIS A 20 9.87 -6.49 2.89
C HIS A 20 10.34 -6.30 4.37
N SER A 1 -7.38 9.33 -4.21
CA SER A 1 -6.38 8.24 -4.29
C SER A 1 -4.96 8.74 -4.66
N ASP A 2 -4.82 9.63 -5.67
CA ASP A 2 -3.50 10.22 -6.06
C ASP A 2 -3.06 11.45 -5.18
N THR A 3 -3.46 11.42 -3.89
CA THR A 3 -3.15 12.41 -2.85
C THR A 3 -2.76 11.59 -1.56
N ARG A 4 -1.74 10.71 -1.69
CA ARG A 4 -1.23 9.84 -0.59
C ARG A 4 -2.28 8.87 0.05
N TYR A 5 -3.20 8.34 -0.77
CA TYR A 5 -4.25 7.38 -0.33
C TYR A 5 -4.39 6.20 -1.36
N ASN A 6 -3.26 5.61 -1.77
CA ASN A 6 -3.23 4.45 -2.71
C ASN A 6 -2.76 3.21 -1.89
N LYS A 7 -3.56 2.82 -0.87
CA LYS A 7 -3.31 1.67 0.04
C LYS A 7 -2.11 1.94 0.96
N ASP A 8 -2.33 2.87 1.93
CA ASP A 8 -1.31 3.32 2.94
C ASP A 8 0.01 3.74 2.22
N PHE A 9 -0.08 4.55 1.11
CA PHE A 9 1.08 5.02 0.31
C PHE A 9 1.86 3.76 -0.24
N ILE A 10 1.12 2.75 -0.81
CA ILE A 10 1.71 1.49 -1.35
C ILE A 10 2.43 0.56 -0.29
N ASN A 11 2.08 0.72 1.00
CA ASN A 11 2.58 -0.07 2.15
C ASN A 11 1.65 -1.26 2.51
N ASN A 12 0.32 -1.06 2.68
CA ASN A 12 -0.64 -2.17 2.98
C ASN A 12 -0.59 -3.39 2.00
N LYS A 13 -0.66 -3.16 0.68
CA LYS A 13 -0.56 -4.23 -0.35
C LYS A 13 0.80 -5.01 -0.30
N LEU A 14 1.92 -4.27 -0.10
CA LEU A 14 3.29 -4.86 0.03
C LEU A 14 3.50 -5.72 1.31
N LEU A 15 2.89 -5.37 2.46
CA LEU A 15 2.99 -6.16 3.72
C LEU A 15 1.96 -7.35 3.81
N ASN A 16 1.63 -7.97 2.66
CA ASN A 16 0.67 -9.09 2.53
C ASN A 16 0.95 -10.03 1.35
N GLU A 17 0.69 -9.50 0.15
CA GLU A 17 0.91 -10.16 -1.17
C GLU A 17 2.33 -10.81 -1.29
N HIS A 18 3.26 -9.89 -1.10
CA HIS A 18 4.71 -10.12 -1.05
C HIS A 18 5.17 -9.72 0.41
N ALA A 19 4.44 -10.19 1.46
CA ALA A 19 4.61 -9.99 2.93
C ALA A 19 6.06 -9.76 3.42
N HIS A 20 6.45 -8.48 3.38
CA HIS A 20 7.80 -8.04 3.80
C HIS A 20 7.92 -7.94 5.35
N SER A 1 -8.08 8.66 -3.85
CA SER A 1 -6.95 7.71 -3.99
C SER A 1 -5.67 8.38 -4.56
N ASP A 2 -5.76 9.22 -5.61
CA ASP A 2 -4.59 9.94 -6.19
C ASP A 2 -4.21 11.27 -5.42
N THR A 3 -4.46 11.27 -4.09
CA THR A 3 -4.17 12.35 -3.13
C THR A 3 -3.52 11.69 -1.87
N ARG A 4 -2.43 10.92 -2.09
CA ARG A 4 -1.67 10.18 -1.03
C ARG A 4 -2.49 9.13 -0.21
N TYR A 5 -3.45 8.46 -0.88
CA TYR A 5 -4.29 7.39 -0.29
C TYR A 5 -4.43 6.18 -1.25
N ASN A 6 -3.28 5.69 -1.78
CA ASN A 6 -3.26 4.50 -2.67
C ASN A 6 -2.81 3.25 -1.85
N LYS A 7 -3.62 2.89 -0.82
CA LYS A 7 -3.40 1.74 0.10
C LYS A 7 -2.17 1.96 1.00
N ASP A 8 -2.36 2.90 1.98
CA ASP A 8 -1.33 3.31 2.98
C ASP A 8 0.01 3.71 2.26
N PHE A 9 -0.07 4.52 1.17
CA PHE A 9 1.09 4.97 0.35
C PHE A 9 1.83 3.70 -0.22
N ILE A 10 1.07 2.71 -0.80
CA ILE A 10 1.63 1.44 -1.36
C ILE A 10 2.33 0.47 -0.32
N ASN A 11 2.02 0.66 0.99
CA ASN A 11 2.52 -0.15 2.12
C ASN A 11 1.57 -1.33 2.48
N ASN A 12 0.24 -1.10 2.64
CA ASN A 12 -0.74 -2.19 2.94
C ASN A 12 -0.72 -3.40 1.94
N LYS A 13 -0.75 -3.14 0.62
CA LYS A 13 -0.69 -4.20 -0.42
C LYS A 13 0.66 -5.00 -0.37
N LEU A 14 1.80 -4.31 -0.18
CA LEU A 14 3.14 -4.94 -0.05
C LEU A 14 3.33 -5.80 1.23
N LEU A 15 2.70 -5.47 2.38
CA LEU A 15 2.79 -6.29 3.62
C LEU A 15 1.77 -7.49 3.67
N ASN A 16 1.45 -8.07 2.50
CA ASN A 16 0.49 -9.20 2.34
C ASN A 16 0.80 -10.11 1.13
N GLU A 17 0.47 -9.57 -0.05
CA GLU A 17 0.69 -10.20 -1.40
C GLU A 17 2.09 -10.85 -1.57
N HIS A 18 3.05 -9.96 -1.34
CA HIS A 18 4.49 -10.20 -1.32
C HIS A 18 4.93 -9.66 0.09
N ALA A 19 4.33 -10.23 1.19
CA ALA A 19 4.53 -9.93 2.63
C ALA A 19 5.99 -9.64 3.06
N HIS A 20 6.32 -8.36 2.94
CA HIS A 20 7.66 -7.82 3.28
C HIS A 20 7.93 -7.78 4.82
N SER A 1 -8.08 8.66 -3.85
CA SER A 1 -6.95 7.71 -3.99
C SER A 1 -5.67 8.38 -4.56
N ASP A 2 -5.76 9.22 -5.61
CA ASP A 2 -4.59 9.94 -6.19
C ASP A 2 -4.21 11.27 -5.42
N THR A 3 -4.46 11.27 -4.09
CA THR A 3 -4.17 12.35 -3.13
C THR A 3 -3.52 11.69 -1.87
N ARG A 4 -2.43 10.92 -2.09
CA ARG A 4 -1.67 10.18 -1.03
C ARG A 4 -2.49 9.13 -0.21
N TYR A 5 -3.45 8.46 -0.88
CA TYR A 5 -4.29 7.39 -0.29
C TYR A 5 -4.43 6.18 -1.25
N ASN A 6 -3.28 5.69 -1.78
CA ASN A 6 -3.26 4.50 -2.67
C ASN A 6 -2.81 3.25 -1.85
N LYS A 7 -3.62 2.89 -0.82
CA LYS A 7 -3.40 1.74 0.10
C LYS A 7 -2.17 1.96 1.00
N ASP A 8 -2.36 2.90 1.98
CA ASP A 8 -1.33 3.31 2.98
C ASP A 8 0.01 3.71 2.26
N PHE A 9 -0.07 4.52 1.17
CA PHE A 9 1.09 4.97 0.35
C PHE A 9 1.83 3.70 -0.22
N ILE A 10 1.07 2.71 -0.80
CA ILE A 10 1.63 1.44 -1.36
C ILE A 10 2.33 0.47 -0.32
N ASN A 11 2.02 0.66 0.99
CA ASN A 11 2.52 -0.15 2.12
C ASN A 11 1.57 -1.33 2.48
N ASN A 12 0.24 -1.10 2.64
CA ASN A 12 -0.74 -2.19 2.94
C ASN A 12 -0.72 -3.40 1.94
N LYS A 13 -0.75 -3.14 0.62
CA LYS A 13 -0.69 -4.20 -0.42
C LYS A 13 0.66 -5.00 -0.37
N LEU A 14 1.80 -4.31 -0.18
CA LEU A 14 3.14 -4.94 -0.05
C LEU A 14 3.33 -5.80 1.23
N LEU A 15 2.70 -5.47 2.38
CA LEU A 15 2.79 -6.29 3.62
C LEU A 15 1.77 -7.49 3.67
N ASN A 16 1.45 -8.07 2.50
CA ASN A 16 0.49 -9.20 2.34
C ASN A 16 0.80 -10.11 1.13
N GLU A 17 0.47 -9.57 -0.05
CA GLU A 17 0.69 -10.20 -1.40
C GLU A 17 2.09 -10.85 -1.57
N HIS A 18 3.05 -9.96 -1.34
CA HIS A 18 4.49 -10.20 -1.32
C HIS A 18 4.93 -9.66 0.09
N ALA A 19 4.33 -10.23 1.19
CA ALA A 19 4.53 -9.93 2.63
C ALA A 19 5.99 -9.64 3.06
N HIS A 20 6.32 -8.36 2.94
CA HIS A 20 7.66 -7.82 3.28
C HIS A 20 7.93 -7.78 4.82
N SER A 1 -9.37 9.44 0.57
CA SER A 1 -8.28 8.85 -0.23
C SER A 1 -7.17 9.88 -0.56
N ASP A 2 -7.53 11.10 -1.02
CA ASP A 2 -6.56 12.18 -1.32
C ASP A 2 -6.06 12.98 -0.06
N THR A 3 -6.02 12.30 1.11
CA THR A 3 -5.55 12.84 2.41
C THR A 3 -4.80 11.69 3.16
N ARG A 4 -3.72 11.18 2.54
CA ARG A 4 -2.87 10.07 3.07
C ARG A 4 -3.59 8.71 3.32
N TYR A 5 -4.53 8.34 2.44
CA TYR A 5 -5.27 7.04 2.53
C TYR A 5 -5.44 6.39 1.13
N ASN A 6 -4.33 6.32 0.36
CA ASN A 6 -4.30 5.66 -0.96
C ASN A 6 -3.44 4.38 -0.78
N LYS A 7 -3.98 3.39 -0.01
CA LYS A 7 -3.32 2.09 0.30
C LYS A 7 -2.07 2.26 1.19
N ASP A 8 -2.14 3.07 2.30
CA ASP A 8 -0.97 3.34 3.21
C ASP A 8 0.32 3.69 2.39
N PHE A 9 0.12 4.48 1.29
CA PHE A 9 1.17 4.93 0.34
C PHE A 9 2.05 3.73 -0.19
N ILE A 10 1.51 2.47 -0.29
CA ILE A 10 2.28 1.24 -0.76
C ILE A 10 3.71 1.16 -0.13
N ASN A 11 3.53 1.29 1.18
CA ASN A 11 4.49 1.21 2.24
C ASN A 11 3.73 0.03 2.92
N ASN A 12 3.10 0.24 4.12
CA ASN A 12 2.39 -0.89 4.80
C ASN A 12 3.23 -2.19 5.08
N LYS A 13 4.43 -2.34 4.44
CA LYS A 13 5.34 -3.53 4.55
C LYS A 13 4.47 -4.81 4.19
N LEU A 14 3.52 -4.57 3.24
CA LEU A 14 2.53 -5.49 2.71
C LEU A 14 1.94 -4.82 1.46
N LEU A 15 1.48 -3.51 1.45
CA LEU A 15 0.98 -2.95 0.16
C LEU A 15 2.07 -2.71 -0.95
N ASN A 16 3.35 -3.07 -0.67
CA ASN A 16 4.51 -2.98 -1.55
C ASN A 16 4.90 -4.42 -2.00
N GLU A 17 3.96 -5.16 -2.68
CA GLU A 17 4.17 -6.56 -3.15
C GLU A 17 4.87 -7.47 -2.09
N HIS A 18 4.26 -7.50 -0.88
CA HIS A 18 4.73 -8.26 0.32
C HIS A 18 6.14 -7.75 0.82
N ALA A 19 6.34 -6.40 0.92
CA ALA A 19 7.61 -5.77 1.37
C ALA A 19 8.79 -6.04 0.39
N HIS A 20 8.89 -5.23 -0.67
CA HIS A 20 9.94 -5.34 -1.71
C HIS A 20 11.18 -4.49 -1.29
N SER A 1 -7.18 9.41 -4.22
CA SER A 1 -6.26 8.28 -4.39
C SER A 1 -4.85 8.74 -4.87
N ASP A 2 -4.78 9.60 -5.92
CA ASP A 2 -3.49 10.15 -6.44
C ASP A 2 -2.94 11.37 -5.60
N THR A 3 -3.22 11.38 -4.28
CA THR A 3 -2.76 12.40 -3.31
C THR A 3 -2.49 11.66 -1.95
N ARG A 4 -1.52 10.72 -1.97
CA ARG A 4 -1.10 9.89 -0.81
C ARG A 4 -2.19 8.99 -0.16
N TYR A 5 -3.09 8.41 -0.98
CA TYR A 5 -4.15 7.49 -0.51
C TYR A 5 -4.33 6.28 -1.49
N ASN A 6 -3.21 5.65 -1.87
CA ASN A 6 -3.22 4.45 -2.76
C ASN A 6 -2.80 3.21 -1.90
N LYS A 7 -3.62 2.89 -0.86
CA LYS A 7 -3.40 1.77 0.08
C LYS A 7 -2.18 2.01 0.99
N ASP A 8 -2.38 2.97 1.94
CA ASP A 8 -1.36 3.41 2.94
C ASP A 8 -0.03 3.81 2.22
N PHE A 9 -0.10 4.60 1.11
CA PHE A 9 1.06 5.03 0.29
C PHE A 9 1.81 3.75 -0.24
N ILE A 10 1.06 2.75 -0.80
CA ILE A 10 1.62 1.47 -1.32
C ILE A 10 2.32 0.53 -0.26
N ASN A 11 1.99 0.73 1.03
CA ASN A 11 2.47 -0.06 2.19
C ASN A 11 1.53 -1.23 2.56
N ASN A 12 0.19 -1.00 2.72
CA ASN A 12 -0.79 -2.10 3.03
C ASN A 12 -0.76 -3.32 2.06
N LYS A 13 -0.78 -3.10 0.73
CA LYS A 13 -0.70 -4.19 -0.29
C LYS A 13 0.65 -4.97 -0.20
N LEU A 14 1.78 -4.26 -0.05
CA LEU A 14 3.13 -4.88 0.11
C LEU A 14 3.30 -5.74 1.41
N LEU A 15 2.62 -5.38 2.53
CA LEU A 15 2.69 -6.16 3.79
C LEU A 15 1.79 -7.46 3.86
N ASN A 16 1.49 -8.04 2.68
CA ASN A 16 0.71 -9.28 2.49
C ASN A 16 1.46 -10.12 1.41
N GLU A 17 2.74 -10.50 1.67
CA GLU A 17 3.60 -11.30 0.74
C GLU A 17 3.49 -10.81 -0.75
N HIS A 18 3.74 -9.49 -0.94
CA HIS A 18 3.68 -8.79 -2.25
C HIS A 18 2.25 -8.86 -2.90
N ALA A 19 1.18 -8.65 -2.09
CA ALA A 19 -0.25 -8.70 -2.54
C ALA A 19 -0.69 -10.13 -2.97
N HIS A 20 -1.22 -10.91 -2.02
CA HIS A 20 -1.68 -12.30 -2.26
C HIS A 20 -3.11 -12.30 -2.87
#